data_8HN9
#
_entry.id   8HN9
#
_cell.length_a   235.676
_cell.length_b   235.676
_cell.length_c   235.676
_cell.angle_alpha   90.00
_cell.angle_beta   90.00
_cell.angle_gamma   90.00
#
_symmetry.space_group_name_H-M   'I 21 3'
#
loop_
_entity.id
_entity.type
_entity.pdbx_description
1 polymer 'NAD-dependent protein deacetylase sirtuin-3, mitochondrial'
2 polymer 'CCNE2 peptide'
3 non-polymer 'ZINC ION'
4 non-polymer IMIDAZOLE
#
loop_
_entity_poly.entity_id
_entity_poly.type
_entity_poly.pdbx_seq_one_letter_code
_entity_poly.pdbx_strand_id
1 'polypeptide(L)'
;KLSLQDVAELIRARACQRVVVMVGAGISTPSGIPDFRSPGSGLYSNLQQYDLPYPEAIFELPFFFHNPKPFFTLAKELYP
GNYKPNVTHYFLRLLHDKGLLLRLYTQNIDGLERVSGIPASKLVEAHGTFASATCTVCQRPFPGEDIRADVMADRVPRCP
VCTGVVKPDIVFFGEPLPQRFLLHVVDFPMADLLLILGTSLEVEPFASLTEAVRSSVPRLLINRDLVGPLAWHPRSRDVA
QLGDVVHGVESLVELLGWTEEMRDLVQRETGKLD
;
A,B
2 'polypeptide(L)' SPVKLKTFK(D8R)IPM C
#
# COMPACT_ATOMS: atom_id res chain seq x y z
N LEU A 2 5.45 9.63 28.05
CA LEU A 2 5.41 10.62 26.95
C LEU A 2 6.62 10.45 26.06
N SER A 3 7.65 9.76 26.53
CA SER A 3 8.87 9.57 25.70
C SER A 3 9.41 8.14 25.81
N LEU A 4 10.24 7.71 24.86
CA LEU A 4 10.68 6.30 24.79
C LEU A 4 11.33 5.86 26.09
N GLN A 5 12.15 6.69 26.72
CA GLN A 5 12.78 6.25 27.99
C GLN A 5 11.69 5.95 29.01
N ASP A 6 10.65 6.79 29.07
CA ASP A 6 9.63 6.61 30.09
C ASP A 6 8.99 5.23 29.99
N VAL A 7 8.75 4.76 28.76
CA VAL A 7 8.20 3.42 28.56
C VAL A 7 9.19 2.37 29.07
N ALA A 8 10.46 2.51 28.68
CA ALA A 8 11.49 1.59 29.14
C ALA A 8 11.54 1.51 30.66
N GLU A 9 11.50 2.67 31.33
CA GLU A 9 11.54 2.68 32.79
C GLU A 9 10.33 1.98 33.38
N LEU A 10 9.16 2.13 32.75
CA LEU A 10 7.95 1.46 33.23
C LEU A 10 8.12 -0.05 33.19
N ILE A 11 8.53 -0.58 32.03
CA ILE A 11 8.86 -2.01 31.91
C ILE A 11 9.96 -2.39 32.87
N ARG A 12 11.04 -1.61 32.89
CA ARG A 12 12.20 -1.89 33.75
C ARG A 12 11.80 -2.07 35.21
N ALA A 13 10.82 -1.29 35.68
CA ALA A 13 10.33 -1.40 37.04
C ALA A 13 9.14 -2.34 37.17
N ARG A 14 8.84 -3.11 36.13
CA ARG A 14 7.69 -4.02 36.08
C ARG A 14 6.40 -3.29 36.40
N ALA A 15 6.35 -1.99 36.08
CA ALA A 15 5.09 -1.27 36.15
C ALA A 15 4.15 -1.70 35.03
N CYS A 16 4.72 -2.08 33.88
CA CYS A 16 3.97 -2.65 32.78
C CYS A 16 4.25 -4.15 32.81
N GLN A 17 3.39 -4.89 33.51
CA GLN A 17 3.60 -6.30 33.77
C GLN A 17 2.85 -7.21 32.79
N ARG A 18 2.00 -6.65 31.93
CA ARG A 18 1.19 -7.43 31.00
C ARG A 18 1.22 -6.72 29.64
N VAL A 19 2.18 -7.10 28.81
CA VAL A 19 2.46 -6.40 27.56
C VAL A 19 1.83 -7.19 26.41
N VAL A 20 1.09 -6.49 25.55
CA VAL A 20 0.59 -7.05 24.30
C VAL A 20 1.38 -6.42 23.17
N VAL A 21 1.88 -7.25 22.26
CA VAL A 21 2.75 -6.81 21.19
C VAL A 21 2.11 -7.17 19.85
N MET A 22 2.22 -6.26 18.88
CA MET A 22 1.68 -6.46 17.55
C MET A 22 2.80 -6.19 16.55
N VAL A 23 3.29 -7.24 15.91
CA VAL A 23 4.44 -7.15 15.02
C VAL A 23 4.00 -7.54 13.61
N GLY A 24 4.76 -7.05 12.63
CA GLY A 24 4.48 -7.34 11.25
C GLY A 24 5.69 -7.77 10.45
N ALA A 25 5.59 -7.72 9.13
CA ALA A 25 6.74 -8.16 8.31
C ALA A 25 7.90 -7.18 8.50
N GLY A 26 7.71 -6.16 9.33
CA GLY A 26 8.79 -5.20 9.56
C GLY A 26 9.99 -5.82 10.25
N ILE A 27 9.75 -6.66 11.25
CA ILE A 27 10.82 -7.26 12.08
C ILE A 27 11.39 -8.51 11.43
N SER A 28 10.79 -8.97 10.34
CA SER A 28 11.33 -10.21 9.74
C SER A 28 12.38 -9.83 8.70
N THR A 29 12.14 -8.76 7.94
CA THR A 29 13.12 -8.45 6.91
C THR A 29 14.56 -8.26 7.40
N PRO A 30 14.84 -7.82 8.64
CA PRO A 30 16.24 -7.84 9.10
C PRO A 30 16.84 -9.23 9.17
N SER A 31 15.99 -10.26 9.16
CA SER A 31 16.47 -11.66 9.27
C SER A 31 16.85 -12.20 7.90
N GLY A 32 16.60 -11.41 6.85
CA GLY A 32 16.92 -11.84 5.48
C GLY A 32 15.71 -12.40 4.78
N ILE A 33 14.66 -12.70 5.53
CA ILE A 33 13.42 -13.29 4.94
C ILE A 33 12.84 -12.38 3.86
N PRO A 34 12.70 -12.79 2.59
CA PRO A 34 12.05 -11.95 1.58
C PRO A 34 10.53 -12.17 1.59
N ASP A 35 9.90 -11.86 2.72
CA ASP A 35 8.44 -12.05 2.98
C ASP A 35 7.65 -11.15 2.02
N PHE A 36 8.17 -9.95 1.79
CA PHE A 36 7.52 -8.89 0.99
C PHE A 36 7.30 -9.29 -0.47
N ARG A 37 8.07 -10.25 -0.99
CA ARG A 37 7.95 -10.65 -2.41
C ARG A 37 8.02 -9.39 -3.28
N SER A 38 9.13 -8.67 -3.12
CA SER A 38 9.48 -7.41 -3.82
C SER A 38 9.87 -7.69 -5.27
N PRO A 39 9.81 -6.70 -6.17
CA PRO A 39 10.12 -6.86 -7.60
C PRO A 39 11.56 -7.26 -7.90
N GLY A 40 12.49 -6.96 -6.99
CA GLY A 40 13.92 -7.27 -7.14
C GLY A 40 14.26 -8.72 -6.82
N SER A 41 15.56 -9.03 -6.75
CA SER A 41 16.03 -10.41 -6.53
C SER A 41 15.36 -10.99 -5.28
N GLY A 42 14.81 -12.18 -5.43
CA GLY A 42 14.06 -12.86 -4.37
C GLY A 42 13.20 -13.94 -5.00
N LEU A 43 12.15 -14.39 -4.32
CA LEU A 43 11.29 -15.43 -4.90
C LEU A 43 10.54 -14.92 -6.14
N TYR A 44 10.26 -13.61 -6.20
CA TYR A 44 9.44 -12.97 -7.22
C TYR A 44 9.68 -13.60 -8.59
N SER A 45 10.94 -13.62 -9.04
CA SER A 45 11.25 -14.21 -10.33
C SER A 45 10.89 -15.70 -10.36
N ASN A 46 11.13 -16.41 -9.25
CA ASN A 46 10.86 -17.85 -9.23
C ASN A 46 9.37 -18.14 -9.40
N LEU A 47 8.53 -17.40 -8.67
CA LEU A 47 7.09 -17.61 -8.80
C LEU A 47 6.55 -17.13 -10.13
N GLN A 48 7.30 -16.26 -10.83
CA GLN A 48 6.90 -15.83 -12.17
C GLN A 48 7.00 -16.97 -13.18
N GLN A 49 7.83 -17.98 -12.90
CA GLN A 49 7.91 -19.14 -13.78
C GLN A 49 6.55 -19.77 -14.01
N TYR A 50 5.78 -19.95 -12.92
CA TYR A 50 4.47 -20.58 -13.00
C TYR A 50 3.43 -19.69 -13.68
N ASP A 51 3.78 -18.44 -13.99
CA ASP A 51 2.88 -17.48 -14.63
C ASP A 51 1.61 -17.27 -13.79
N LEU A 52 1.83 -16.75 -12.57
CA LEU A 52 0.71 -16.35 -11.73
C LEU A 52 -0.07 -15.23 -12.42
N PRO A 53 -1.36 -15.08 -12.11
CA PRO A 53 -2.07 -13.88 -12.60
C PRO A 53 -1.63 -12.61 -11.90
N TYR A 54 -1.15 -12.73 -10.67
CA TYR A 54 -0.68 -11.61 -9.86
C TYR A 54 -0.01 -12.17 -8.61
N PRO A 55 0.89 -11.41 -7.98
CA PRO A 55 1.71 -12.01 -6.91
C PRO A 55 0.89 -12.53 -5.75
N GLU A 56 -0.17 -11.81 -5.38
CA GLU A 56 -1.02 -12.23 -4.27
C GLU A 56 -1.89 -13.44 -4.61
N ALA A 57 -1.88 -13.90 -5.87
CA ALA A 57 -2.63 -15.09 -6.24
C ALA A 57 -2.10 -16.36 -5.57
N ILE A 58 -0.87 -16.32 -5.05
CA ILE A 58 -0.31 -17.47 -4.34
C ILE A 58 -1.19 -17.88 -3.15
N PHE A 59 -1.87 -16.92 -2.53
CA PHE A 59 -2.70 -17.16 -1.36
C PHE A 59 -4.19 -17.20 -1.69
N GLU A 60 -4.56 -17.62 -2.89
CA GLU A 60 -5.95 -17.87 -3.24
C GLU A 60 -6.24 -19.36 -3.19
N LEU A 61 -7.42 -19.71 -2.70
CA LEU A 61 -7.80 -21.12 -2.64
C LEU A 61 -8.13 -21.71 -4.01
N PRO A 62 -8.91 -21.05 -4.87
CA PRO A 62 -9.21 -21.66 -6.17
C PRO A 62 -7.98 -21.87 -7.05
N PHE A 63 -7.07 -20.89 -7.11
CA PHE A 63 -5.85 -21.08 -7.89
C PHE A 63 -4.98 -22.18 -7.30
N PHE A 64 -4.82 -22.18 -5.97
CA PHE A 64 -4.03 -23.22 -5.33
C PHE A 64 -4.56 -24.60 -5.69
N PHE A 65 -5.89 -24.76 -5.74
CA PHE A 65 -6.47 -26.02 -6.18
C PHE A 65 -6.21 -26.24 -7.67
N HIS A 66 -6.23 -25.16 -8.45
CA HIS A 66 -5.84 -25.25 -9.86
C HIS A 66 -4.38 -25.67 -9.99
N ASN A 67 -3.48 -24.97 -9.29
CA ASN A 67 -2.05 -25.25 -9.37
C ASN A 67 -1.45 -24.92 -8.01
N PRO A 68 -1.14 -25.93 -7.18
CA PRO A 68 -0.58 -25.68 -5.86
C PRO A 68 0.94 -25.53 -5.82
N LYS A 69 1.62 -25.73 -6.94
CA LYS A 69 3.07 -25.65 -6.95
C LYS A 69 3.62 -24.29 -6.55
N PRO A 70 3.01 -23.15 -6.92
CA PRO A 70 3.61 -21.86 -6.49
C PRO A 70 3.61 -21.68 -4.98
N PHE A 71 2.53 -22.05 -4.29
CA PHE A 71 2.50 -21.90 -2.84
C PHE A 71 3.60 -22.73 -2.18
N PHE A 72 3.75 -23.98 -2.62
CA PHE A 72 4.74 -24.85 -2.00
C PHE A 72 6.16 -24.40 -2.33
N THR A 73 6.37 -23.80 -3.51
CA THR A 73 7.64 -23.16 -3.80
C THR A 73 7.98 -22.12 -2.74
N LEU A 74 7.03 -21.23 -2.43
CA LEU A 74 7.22 -20.26 -1.36
C LEU A 74 7.46 -20.97 -0.02
N ALA A 75 6.63 -21.96 0.29
CA ALA A 75 6.74 -22.69 1.55
C ALA A 75 8.15 -23.20 1.78
N LYS A 76 8.77 -23.78 0.75
CA LYS A 76 10.12 -24.34 0.90
C LYS A 76 11.10 -23.31 1.47
N GLU A 77 10.92 -22.08 1.03
CA GLU A 77 11.80 -20.97 1.44
C GLU A 77 11.60 -20.70 2.93
N LEU A 78 10.40 -20.23 3.29
CA LEU A 78 10.03 -19.79 4.67
C LEU A 78 9.89 -20.96 5.64
N TYR A 79 9.81 -22.19 5.16
CA TYR A 79 9.61 -23.36 6.06
C TYR A 79 10.69 -23.36 7.12
N PRO A 80 10.34 -23.65 8.39
CA PRO A 80 11.28 -23.53 9.48
C PRO A 80 12.61 -24.27 9.32
N GLY A 81 13.66 -23.64 9.82
CA GLY A 81 15.03 -24.18 9.77
C GLY A 81 15.83 -23.58 8.64
N ASN A 82 15.27 -22.59 7.94
CA ASN A 82 16.02 -21.97 6.83
C ASN A 82 16.60 -20.62 7.28
N TYR A 83 15.76 -19.77 7.87
CA TYR A 83 16.17 -18.46 8.37
C TYR A 83 16.20 -18.44 9.89
N LYS A 84 16.95 -17.48 10.43
CA LYS A 84 17.21 -17.30 11.85
C LYS A 84 16.44 -16.09 12.38
N PRO A 85 16.08 -16.10 13.67
CA PRO A 85 15.47 -14.90 14.26
C PRO A 85 16.50 -13.81 14.49
N ASN A 86 16.05 -12.57 14.40
CA ASN A 86 16.91 -11.41 14.59
C ASN A 86 16.75 -10.86 16.01
N VAL A 87 17.36 -9.71 16.27
CA VAL A 87 17.40 -9.13 17.61
C VAL A 87 15.98 -8.89 18.14
N THR A 88 15.07 -8.43 17.27
CA THR A 88 13.69 -8.18 17.69
C THR A 88 13.06 -9.44 18.28
N HIS A 89 13.14 -10.56 17.55
CA HIS A 89 12.48 -11.78 17.99
C HIS A 89 12.99 -12.25 19.34
N TYR A 90 14.29 -12.05 19.62
CA TYR A 90 14.83 -12.47 20.91
C TYR A 90 14.53 -11.44 22.01
N PHE A 91 14.48 -10.16 21.66
CA PHE A 91 14.05 -9.15 22.62
C PHE A 91 12.66 -9.46 23.18
N LEU A 92 11.77 -9.97 22.33
CA LEU A 92 10.45 -10.35 22.79
C LEU A 92 10.46 -11.66 23.55
N ARG A 93 11.40 -12.57 23.21
CA ARG A 93 11.60 -13.76 24.02
C ARG A 93 12.07 -13.38 25.42
N LEU A 94 13.00 -12.43 25.51
CA LEU A 94 13.44 -11.96 26.82
C LEU A 94 12.29 -11.32 27.60
N LEU A 95 11.45 -10.53 26.91
CA LEU A 95 10.28 -9.95 27.56
C LEU A 95 9.36 -11.04 28.12
N HIS A 96 9.21 -12.14 27.39
CA HIS A 96 8.41 -13.26 27.87
C HIS A 96 9.04 -13.91 29.10
N ASP A 97 10.34 -14.26 29.00
CA ASP A 97 11.03 -14.93 30.10
C ASP A 97 10.90 -14.17 31.41
N LYS A 98 10.99 -12.83 31.35
CA LYS A 98 10.86 -12.01 32.54
C LYS A 98 9.43 -11.94 33.07
N GLY A 99 8.47 -12.60 32.41
CA GLY A 99 7.11 -12.60 32.88
C GLY A 99 6.30 -11.39 32.49
N LEU A 100 6.78 -10.59 31.53
CA LEU A 100 6.11 -9.36 31.14
C LEU A 100 5.18 -9.55 29.96
N LEU A 101 5.49 -10.47 29.05
CA LEU A 101 4.68 -10.67 27.85
C LEU A 101 3.33 -11.26 28.20
N LEU A 102 2.26 -10.67 27.67
CA LEU A 102 0.92 -11.21 27.78
C LEU A 102 0.50 -11.97 26.53
N ARG A 103 0.78 -11.43 25.35
CA ARG A 103 0.48 -12.07 24.09
C ARG A 103 1.23 -11.35 22.97
N LEU A 104 1.57 -12.11 21.92
CA LEU A 104 2.29 -11.58 20.76
C LEU A 104 1.45 -11.86 19.51
N TYR A 105 0.79 -10.83 19.00
CA TYR A 105 -0.02 -10.93 17.79
C TYR A 105 0.86 -10.61 16.59
N THR A 106 1.09 -11.60 15.73
CA THR A 106 1.99 -11.46 14.60
C THR A 106 1.24 -11.65 13.29
N GLN A 107 1.61 -10.85 12.29
CA GLN A 107 1.06 -10.95 10.94
C GLN A 107 1.91 -11.83 10.04
N ASN A 108 2.93 -12.49 10.57
CA ASN A 108 3.94 -13.16 9.79
C ASN A 108 3.74 -14.67 9.82
N ILE A 109 4.19 -15.33 8.76
CA ILE A 109 4.12 -16.78 8.65
C ILE A 109 5.49 -17.44 8.70
N ASP A 110 6.56 -16.65 8.85
CA ASP A 110 7.90 -17.22 8.93
C ASP A 110 8.03 -18.21 10.09
N GLY A 111 7.37 -17.92 11.21
CA GLY A 111 7.46 -18.77 12.37
C GLY A 111 8.63 -18.49 13.28
N LEU A 112 9.42 -17.45 12.99
CA LEU A 112 10.59 -17.14 13.79
C LEU A 112 10.25 -16.85 15.25
N GLU A 113 9.01 -16.47 15.55
CA GLU A 113 8.61 -16.20 16.92
C GLU A 113 8.77 -17.43 17.79
N ARG A 114 8.30 -18.59 17.32
CA ARG A 114 8.51 -19.82 18.07
C ARG A 114 9.98 -20.24 18.04
N VAL A 115 10.63 -20.05 16.89
CA VAL A 115 12.06 -20.35 16.79
C VAL A 115 12.85 -19.60 17.85
N SER A 116 12.50 -18.33 18.07
CA SER A 116 13.17 -17.51 19.07
C SER A 116 12.85 -17.96 20.50
N GLY A 117 11.97 -18.94 20.68
CA GLY A 117 11.70 -19.50 21.99
C GLY A 117 10.37 -19.10 22.61
N ILE A 118 9.52 -18.39 21.90
CA ILE A 118 8.23 -17.95 22.43
C ILE A 118 7.23 -19.10 22.34
N PRO A 119 6.62 -19.53 23.44
CA PRO A 119 5.69 -20.65 23.39
C PRO A 119 4.47 -20.35 22.53
N ALA A 120 3.82 -21.41 22.08
CA ALA A 120 2.63 -21.27 21.25
C ALA A 120 1.50 -20.58 22.00
N SER A 121 1.39 -20.82 23.31
CA SER A 121 0.34 -20.19 24.10
C SER A 121 0.47 -18.67 24.07
N LYS A 122 1.70 -18.16 24.12
CA LYS A 122 1.97 -16.73 24.09
C LYS A 122 1.86 -16.13 22.69
N LEU A 123 1.34 -16.87 21.72
CA LEU A 123 1.44 -16.48 20.32
C LEU A 123 0.07 -16.59 19.65
N VAL A 124 -0.25 -15.58 18.85
CA VAL A 124 -1.43 -15.60 17.97
C VAL A 124 -0.89 -15.34 16.57
N GLU A 125 -0.58 -16.42 15.84
CA GLU A 125 -0.16 -16.33 14.45
C GLU A 125 -1.39 -16.08 13.59
N ALA A 126 -1.64 -14.81 13.26
CA ALA A 126 -2.92 -14.41 12.70
C ALA A 126 -3.07 -14.76 11.22
N HIS A 127 -1.98 -15.00 10.52
CA HIS A 127 -2.03 -15.40 9.12
C HIS A 127 -1.64 -16.87 8.93
N GLY A 128 -1.57 -17.64 10.01
CA GLY A 128 -1.25 -19.06 9.93
C GLY A 128 0.17 -19.36 10.35
N THR A 129 0.51 -20.64 10.29
CA THR A 129 1.82 -21.12 10.68
C THR A 129 2.09 -22.47 10.03
N PHE A 130 3.37 -22.76 9.83
CA PHE A 130 3.80 -24.06 9.30
C PHE A 130 4.02 -25.10 10.40
N ALA A 131 3.44 -24.90 11.58
CA ALA A 131 3.57 -25.86 12.66
C ALA A 131 2.59 -27.02 12.53
N SER A 132 1.61 -26.91 11.64
CA SER A 132 0.63 -27.95 11.43
C SER A 132 0.17 -27.90 9.98
N ALA A 133 -0.62 -28.90 9.60
CA ALA A 133 -1.17 -28.99 8.25
C ALA A 133 -2.48 -29.73 8.32
N THR A 134 -3.30 -29.57 7.29
CA THR A 134 -4.60 -30.23 7.23
C THR A 134 -4.84 -30.70 5.81
N CYS A 135 -5.04 -32.02 5.65
CA CYS A 135 -5.33 -32.58 4.34
C CYS A 135 -6.59 -31.98 3.72
N THR A 136 -6.47 -31.49 2.48
CA THR A 136 -7.60 -30.81 1.86
C THR A 136 -8.79 -31.75 1.67
N VAL A 137 -8.53 -33.04 1.56
CA VAL A 137 -9.58 -34.06 1.44
C VAL A 137 -9.78 -34.80 2.75
N CYS A 138 -8.69 -35.35 3.30
CA CYS A 138 -8.77 -36.10 4.54
C CYS A 138 -9.33 -35.27 5.69
N GLN A 139 -9.02 -33.98 5.70
CA GLN A 139 -9.30 -33.09 6.84
C GLN A 139 -8.69 -33.63 8.13
N ARG A 140 -7.50 -34.23 8.01
CA ARG A 140 -6.75 -34.74 9.16
C ARG A 140 -5.60 -33.81 9.48
N PRO A 141 -5.37 -33.44 10.75
CA PRO A 141 -4.26 -32.55 11.06
C PRO A 141 -2.95 -33.30 11.19
N PHE A 142 -1.90 -32.71 10.64
CA PHE A 142 -0.57 -33.31 10.62
C PHE A 142 0.45 -32.31 11.14
N PRO A 143 1.47 -32.77 11.87
CA PRO A 143 2.51 -31.85 12.36
C PRO A 143 3.34 -31.29 11.21
N GLY A 144 4.00 -30.17 11.50
CA GLY A 144 4.81 -29.51 10.47
C GLY A 144 5.89 -30.39 9.90
N GLU A 145 6.70 -30.99 10.77
CA GLU A 145 7.83 -31.81 10.32
C GLU A 145 7.40 -32.91 9.35
N ASP A 146 6.17 -33.42 9.48
CA ASP A 146 5.72 -34.55 8.69
C ASP A 146 5.84 -34.29 7.19
N ILE A 147 5.57 -33.05 6.75
CA ILE A 147 5.58 -32.74 5.33
C ILE A 147 6.90 -32.12 4.88
N ARG A 148 7.89 -32.02 5.77
CA ARG A 148 9.15 -31.36 5.41
C ARG A 148 9.85 -32.08 4.26
N ALA A 149 9.91 -33.41 4.33
CA ALA A 149 10.59 -34.18 3.28
C ALA A 149 10.03 -33.87 1.90
N ASP A 150 8.71 -33.96 1.74
CA ASP A 150 8.10 -33.71 0.45
C ASP A 150 8.25 -32.26 0.02
N VAL A 151 8.04 -31.32 0.94
CA VAL A 151 8.16 -29.90 0.60
C VAL A 151 9.59 -29.57 0.20
N MET A 152 10.57 -30.00 1.00
CA MET A 152 11.95 -29.65 0.73
C MET A 152 12.53 -30.37 -0.48
N ALA A 153 11.83 -31.37 -1.02
CA ALA A 153 12.26 -32.09 -2.21
C ALA A 153 11.51 -31.65 -3.46
N ASP A 154 10.97 -30.43 -3.45
CA ASP A 154 10.19 -29.88 -4.57
C ASP A 154 8.99 -30.75 -4.93
N ARG A 155 8.49 -31.55 -3.99
CA ARG A 155 7.34 -32.40 -4.20
C ARG A 155 6.11 -31.80 -3.52
N VAL A 156 4.96 -32.38 -3.83
CA VAL A 156 3.66 -31.91 -3.28
C VAL A 156 3.17 -32.97 -2.32
N PRO A 157 3.06 -32.71 -1.01
CA PRO A 157 2.67 -33.70 -0.03
C PRO A 157 1.25 -34.21 -0.25
N ARG A 158 1.00 -35.47 0.06
CA ARG A 158 -0.35 -36.04 -0.10
C ARG A 158 -0.69 -36.77 1.21
N CYS A 159 -1.95 -36.77 1.62
CA CYS A 159 -2.37 -37.43 2.87
C CYS A 159 -2.12 -38.91 2.80
N PRO A 160 -1.73 -39.58 3.90
CA PRO A 160 -1.46 -41.00 3.85
C PRO A 160 -2.67 -41.90 3.52
N VAL A 161 -3.83 -41.64 4.11
CA VAL A 161 -4.96 -42.55 3.85
C VAL A 161 -5.73 -42.09 2.63
N CYS A 162 -5.90 -40.78 2.47
CA CYS A 162 -6.64 -40.20 1.36
C CYS A 162 -5.78 -39.95 0.13
N THR A 163 -4.48 -39.69 0.31
CA THR A 163 -3.60 -39.24 -0.76
C THR A 163 -4.08 -37.96 -1.42
N GLY A 164 -4.65 -37.07 -0.61
CA GLY A 164 -5.02 -35.75 -1.05
C GLY A 164 -4.04 -34.71 -0.54
N VAL A 165 -4.06 -33.53 -1.18
CA VAL A 165 -3.05 -32.51 -0.89
C VAL A 165 -3.12 -32.09 0.56
N VAL A 166 -1.96 -31.92 1.18
CA VAL A 166 -1.83 -31.55 2.58
C VAL A 166 -1.37 -30.09 2.62
N LYS A 167 -2.32 -29.18 2.78
CA LYS A 167 -2.03 -27.74 2.77
C LYS A 167 -1.65 -27.28 4.16
N PRO A 168 -0.53 -26.57 4.31
CA PRO A 168 -0.13 -26.10 5.60
C PRO A 168 -1.29 -25.31 6.17
N ASP A 169 -1.27 -25.08 7.48
CA ASP A 169 -2.32 -24.25 8.10
C ASP A 169 -1.95 -22.80 7.85
N ILE A 170 -2.25 -22.29 6.66
CA ILE A 170 -2.03 -20.85 6.37
C ILE A 170 -3.40 -20.28 6.03
N VAL A 171 -3.66 -19.02 6.36
CA VAL A 171 -5.03 -18.44 6.16
C VAL A 171 -5.08 -17.83 4.78
N PHE A 172 -5.64 -18.56 3.83
CA PHE A 172 -5.63 -18.05 2.47
C PHE A 172 -6.62 -16.89 2.33
N PHE A 173 -6.43 -16.11 1.26
CA PHE A 173 -7.23 -14.91 1.05
C PHE A 173 -8.71 -15.25 0.96
N GLY A 174 -9.48 -14.83 1.98
CA GLY A 174 -10.90 -15.13 2.07
C GLY A 174 -11.25 -16.09 3.19
N GLU A 175 -10.31 -16.95 3.59
CA GLU A 175 -10.58 -17.86 4.70
C GLU A 175 -10.67 -17.08 6.01
N PRO A 176 -11.51 -17.50 6.94
CA PRO A 176 -11.60 -16.80 8.22
C PRO A 176 -10.34 -16.94 9.04
N LEU A 177 -10.06 -15.92 9.84
CA LEU A 177 -8.88 -15.94 10.69
C LEU A 177 -9.01 -17.05 11.72
N PRO A 178 -7.88 -17.53 12.26
CA PRO A 178 -7.95 -18.62 13.24
C PRO A 178 -8.77 -18.22 14.45
N GLN A 179 -9.41 -19.22 15.07
CA GLN A 179 -10.10 -19.01 16.34
C GLN A 179 -9.19 -18.32 17.35
N ARG A 180 -7.89 -18.63 17.30
CA ARG A 180 -6.91 -18.02 18.18
C ARG A 180 -6.93 -16.49 18.11
N PHE A 181 -7.39 -15.93 16.99
CA PHE A 181 -7.48 -14.49 16.86
C PHE A 181 -8.46 -13.88 17.88
N LEU A 182 -9.49 -14.62 18.26
CA LEU A 182 -10.52 -14.07 19.14
C LEU A 182 -10.04 -13.85 20.56
N LEU A 183 -8.79 -14.20 20.89
CA LEU A 183 -8.25 -13.84 22.19
C LEU A 183 -8.05 -12.34 22.32
N HIS A 184 -8.08 -11.61 21.20
CA HIS A 184 -7.98 -10.15 21.23
C HIS A 184 -9.04 -9.53 22.12
N VAL A 185 -10.20 -10.18 22.25
CA VAL A 185 -11.26 -9.68 23.11
C VAL A 185 -10.79 -9.64 24.56
N VAL A 186 -10.08 -10.68 24.99
CA VAL A 186 -9.60 -10.75 26.37
C VAL A 186 -8.34 -9.91 26.55
N ASP A 187 -7.35 -10.09 25.68
CA ASP A 187 -6.01 -9.58 25.93
C ASP A 187 -5.99 -8.06 26.00
N PHE A 188 -6.58 -7.39 25.01
CA PHE A 188 -6.36 -5.97 24.81
C PHE A 188 -6.92 -5.09 25.93
N PRO A 189 -8.13 -5.36 26.47
CA PRO A 189 -8.57 -4.58 27.63
C PRO A 189 -7.68 -4.75 28.85
N MET A 190 -7.16 -5.96 29.06
CA MET A 190 -6.33 -6.26 30.23
C MET A 190 -4.87 -5.86 30.02
N ALA A 191 -4.46 -5.63 28.78
CA ALA A 191 -3.07 -5.29 28.48
C ALA A 191 -2.62 -4.08 29.30
N ASP A 192 -1.33 -4.07 29.62
CA ASP A 192 -0.74 -2.98 30.40
C ASP A 192 0.13 -2.06 29.56
N LEU A 193 0.41 -2.41 28.31
CA LEU A 193 1.20 -1.61 27.40
C LEU A 193 1.14 -2.26 26.03
N LEU A 194 1.02 -1.44 24.98
CA LEU A 194 0.91 -1.94 23.62
C LEU A 194 2.21 -1.64 22.89
N LEU A 195 2.86 -2.69 22.38
CA LEU A 195 4.07 -2.58 21.58
C LEU A 195 3.72 -2.87 20.13
N ILE A 196 4.14 -1.97 19.24
CA ILE A 196 3.93 -2.12 17.81
C ILE A 196 5.29 -2.05 17.14
N LEU A 197 5.68 -3.13 16.46
CA LEU A 197 7.00 -3.25 15.85
C LEU A 197 6.86 -3.61 14.39
N GLY A 198 7.13 -2.65 13.50
CA GLY A 198 7.25 -2.91 12.08
C GLY A 198 6.04 -3.47 11.36
N THR A 199 4.87 -2.88 11.57
CA THR A 199 3.66 -3.30 10.87
C THR A 199 3.05 -2.11 10.16
N SER A 200 2.74 -2.29 8.87
CA SER A 200 2.14 -1.21 8.08
C SER A 200 0.76 -0.84 8.62
N LEU A 201 0.06 -1.78 9.25
CA LEU A 201 -1.32 -1.58 9.71
C LEU A 201 -2.27 -1.30 8.55
N GLU A 202 -1.95 -1.86 7.37
CA GLU A 202 -2.84 -1.75 6.23
C GLU A 202 -4.08 -2.62 6.42
N VAL A 203 -3.90 -3.80 7.02
CA VAL A 203 -5.02 -4.71 7.23
C VAL A 203 -5.88 -4.18 8.37
N GLU A 204 -7.13 -3.83 8.07
CA GLU A 204 -8.03 -3.19 9.02
C GLU A 204 -8.53 -4.08 10.16
N PRO A 205 -8.72 -5.40 9.97
CA PRO A 205 -9.06 -6.21 11.15
C PRO A 205 -7.92 -6.24 12.16
N PHE A 206 -6.68 -6.33 11.69
CA PHE A 206 -5.53 -6.21 12.58
C PHE A 206 -5.40 -4.78 13.11
N ALA A 207 -5.51 -3.79 12.21
CA ALA A 207 -5.31 -2.38 12.59
C ALA A 207 -6.29 -1.93 13.67
N SER A 208 -7.56 -2.36 13.57
CA SER A 208 -8.58 -1.90 14.50
C SER A 208 -8.22 -2.18 15.96
N LEU A 209 -7.37 -3.18 16.21
CA LEU A 209 -7.01 -3.57 17.57
C LEU A 209 -6.09 -2.58 18.25
N THR A 210 -5.48 -1.65 17.51
CA THR A 210 -4.60 -0.67 18.13
C THR A 210 -5.36 0.26 19.07
N GLU A 211 -6.62 0.56 18.76
CA GLU A 211 -7.47 1.39 19.61
C GLU A 211 -8.21 0.59 20.66
N ALA A 212 -8.11 -0.75 20.63
CA ALA A 212 -8.85 -1.57 21.58
C ALA A 212 -8.40 -1.36 23.01
N VAL A 213 -7.12 -1.06 23.22
CA VAL A 213 -6.61 -0.90 24.58
C VAL A 213 -7.24 0.34 25.21
N ARG A 214 -7.33 0.34 26.54
CA ARG A 214 -7.89 1.47 27.24
C ARG A 214 -6.97 2.69 27.14
N SER A 215 -7.55 3.86 27.37
CA SER A 215 -6.82 5.12 27.20
C SER A 215 -5.69 5.27 28.19
N SER A 216 -5.73 4.58 29.33
CA SER A 216 -4.61 4.61 30.26
C SER A 216 -3.37 3.94 29.66
N VAL A 217 -3.56 2.99 28.76
CA VAL A 217 -2.44 2.20 28.23
C VAL A 217 -1.63 3.04 27.27
N PRO A 218 -0.31 3.13 27.42
CA PRO A 218 0.51 3.76 26.39
C PRO A 218 0.79 2.81 25.23
N ARG A 219 0.98 3.39 24.06
CA ARG A 219 1.20 2.64 22.83
C ARG A 219 2.53 3.05 22.21
N LEU A 220 3.45 2.10 22.10
CA LEU A 220 4.79 2.35 21.58
C LEU A 220 4.87 1.89 20.14
N LEU A 221 5.13 2.83 19.23
CA LEU A 221 5.24 2.56 17.80
C LEU A 221 6.68 2.77 17.37
N ILE A 222 7.42 1.66 17.21
CA ILE A 222 8.80 1.73 16.73
C ILE A 222 8.89 1.58 15.22
N ASN A 223 7.75 1.46 14.53
CA ASN A 223 7.74 1.32 13.08
C ASN A 223 8.45 2.50 12.41
N ARG A 224 8.97 2.25 11.21
CA ARG A 224 9.74 3.26 10.48
C ARG A 224 8.94 4.53 10.28
N ASP A 225 7.67 4.42 9.88
CA ASP A 225 6.83 5.57 9.64
C ASP A 225 5.56 5.48 10.48
N LEU A 226 4.85 6.61 10.56
CA LEU A 226 3.60 6.68 11.31
C LEU A 226 2.44 6.26 10.41
N VAL A 227 1.73 5.20 10.81
CA VAL A 227 0.69 4.59 10.00
C VAL A 227 -0.45 4.15 10.91
N GLY A 228 -1.56 3.78 10.29
CA GLY A 228 -2.69 3.20 10.99
C GLY A 228 -3.32 4.14 11.99
N PRO A 229 -4.20 3.60 12.84
CA PRO A 229 -4.90 4.44 13.82
C PRO A 229 -3.96 5.21 14.75
N LEU A 230 -2.73 4.75 14.93
CA LEU A 230 -1.75 5.53 15.68
C LEU A 230 -1.54 6.89 15.04
N ALA A 231 -1.33 6.90 13.72
CA ALA A 231 -1.11 8.16 13.01
C ALA A 231 -2.41 8.95 12.84
N TRP A 232 -3.49 8.27 12.45
CA TRP A 232 -4.72 8.99 12.12
C TRP A 232 -5.38 9.59 13.35
N HIS A 233 -5.49 8.82 14.42
CA HIS A 233 -6.21 9.23 15.63
C HIS A 233 -5.33 8.91 16.83
N PRO A 234 -4.39 9.80 17.17
CA PRO A 234 -3.48 9.52 18.28
C PRO A 234 -4.07 9.88 19.63
N ARG A 235 -3.43 9.36 20.67
CA ARG A 235 -3.73 9.67 22.06
C ARG A 235 -2.53 10.37 22.70
N SER A 236 -2.74 10.85 23.91
CA SER A 236 -1.69 11.61 24.60
C SER A 236 -0.51 10.72 24.98
N ARG A 237 -0.79 9.49 25.42
CA ARG A 237 0.24 8.58 25.90
C ARG A 237 0.92 7.82 24.77
N ASP A 238 0.68 8.20 23.51
CA ASP A 238 1.35 7.55 22.38
C ASP A 238 2.83 7.91 22.34
N VAL A 239 3.65 6.94 21.91
CA VAL A 239 5.07 7.15 21.72
C VAL A 239 5.47 6.54 20.39
N ALA A 240 6.14 7.34 19.55
CA ALA A 240 6.55 6.92 18.21
C ALA A 240 8.06 6.94 18.11
N GLN A 241 8.69 5.77 18.26
CA GLN A 241 10.14 5.64 18.08
C GLN A 241 10.46 5.35 16.61
N LEU A 242 10.20 6.37 15.79
CA LEU A 242 10.38 6.23 14.34
C LEU A 242 11.84 5.98 13.99
N GLY A 243 12.05 5.29 12.88
CA GLY A 243 13.37 4.91 12.42
C GLY A 243 13.46 3.42 12.15
N ASP A 244 14.64 3.02 11.70
CA ASP A 244 14.93 1.61 11.45
C ASP A 244 14.57 0.74 12.65
N VAL A 245 13.91 -0.38 12.37
CA VAL A 245 13.33 -1.20 13.44
C VAL A 245 14.42 -1.73 14.37
N VAL A 246 15.48 -2.30 13.79
CA VAL A 246 16.53 -2.92 14.60
C VAL A 246 17.16 -1.91 15.55
N HIS A 247 17.46 -0.70 15.05
CA HIS A 247 18.05 0.33 15.90
C HIS A 247 17.10 0.76 17.01
N GLY A 248 15.81 0.91 16.68
CA GLY A 248 14.84 1.30 17.70
C GLY A 248 14.74 0.28 18.83
N VAL A 249 14.68 -1.01 18.47
CA VAL A 249 14.64 -2.07 19.48
C VAL A 249 15.93 -2.06 20.30
N GLU A 250 17.07 -1.87 19.62
CA GLU A 250 18.35 -1.85 20.31
C GLU A 250 18.41 -0.70 21.32
N SER A 251 17.98 0.49 20.92
CA SER A 251 17.94 1.62 21.83
C SER A 251 17.09 1.32 23.05
N LEU A 252 15.92 0.71 22.84
CA LEU A 252 15.05 0.36 23.95
C LEU A 252 15.70 -0.67 24.86
N VAL A 253 16.44 -1.61 24.29
CA VAL A 253 17.14 -2.61 25.10
C VAL A 253 18.18 -1.94 25.98
N GLU A 254 18.98 -1.05 25.40
CA GLU A 254 19.95 -0.28 26.18
C GLU A 254 19.23 0.56 27.24
N LEU A 255 18.18 1.28 26.85
CA LEU A 255 17.44 2.11 27.79
C LEU A 255 16.86 1.29 28.92
N LEU A 256 16.57 0.01 28.66
CA LEU A 256 16.15 -0.91 29.71
C LEU A 256 17.32 -1.43 30.54
N GLY A 257 18.56 -1.23 30.09
CA GLY A 257 19.70 -1.79 30.76
C GLY A 257 19.86 -3.27 30.52
N TRP A 258 19.41 -3.75 29.36
CA TRP A 258 19.38 -5.17 29.03
C TRP A 258 20.41 -5.57 27.99
N THR A 259 21.24 -4.64 27.52
CA THR A 259 22.18 -4.94 26.44
C THR A 259 23.08 -6.13 26.77
N GLU A 260 23.61 -6.18 27.99
CA GLU A 260 24.42 -7.31 28.40
C GLU A 260 23.62 -8.62 28.33
N GLU A 261 22.48 -8.67 28.99
CA GLU A 261 21.64 -9.87 28.96
C GLU A 261 21.18 -10.18 27.54
N MET A 262 21.03 -9.16 26.69
CA MET A 262 20.59 -9.41 25.33
C MET A 262 21.68 -10.13 24.52
N ARG A 263 22.92 -9.64 24.61
CA ARG A 263 24.02 -10.28 23.90
C ARG A 263 24.17 -11.74 24.35
N ASP A 264 23.97 -11.99 25.64
CA ASP A 264 24.04 -13.35 26.16
C ASP A 264 22.99 -14.24 25.50
N LEU A 265 21.76 -13.72 25.34
CA LEU A 265 20.67 -14.52 24.81
C LEU A 265 20.89 -14.87 23.34
N VAL A 266 21.17 -13.87 22.50
CA VAL A 266 21.35 -14.11 21.06
C VAL A 266 22.49 -15.09 20.81
N GLN A 267 23.55 -15.01 21.60
CA GLN A 267 24.71 -15.87 21.37
C GLN A 267 24.38 -17.32 21.66
N ARG A 268 23.97 -17.63 22.88
CA ARG A 268 23.68 -19.01 23.27
C ARG A 268 22.53 -19.60 22.47
N GLU A 269 21.61 -18.77 21.96
CA GLU A 269 20.51 -19.28 21.16
C GLU A 269 20.95 -19.57 19.74
N THR A 270 21.83 -18.74 19.19
CA THR A 270 22.46 -19.07 17.90
C THR A 270 23.19 -20.40 17.97
N GLY A 271 23.77 -20.71 19.13
CA GLY A 271 24.42 -22.00 19.31
C GLY A 271 23.44 -23.16 19.21
N LYS A 272 22.31 -23.07 19.92
CA LYS A 272 21.30 -24.11 19.86
C LYS A 272 20.84 -24.36 18.43
N LEU A 273 20.69 -23.30 17.64
CA LEU A 273 20.18 -23.47 16.28
C LEU A 273 21.24 -24.02 15.35
N ASP A 274 22.45 -23.46 15.40
CA ASP A 274 23.55 -23.91 14.55
C ASP A 274 24.87 -23.96 15.32
N LYS B 1 17.88 -4.49 -22.15
CA LYS B 1 16.97 -4.86 -23.26
C LYS B 1 16.63 -3.58 -24.03
N LEU B 2 16.21 -2.54 -23.33
CA LEU B 2 15.90 -1.27 -23.97
C LEU B 2 16.14 -0.16 -22.95
N SER B 3 16.47 1.02 -23.46
CA SER B 3 16.84 2.16 -22.62
C SER B 3 16.00 3.38 -22.99
N LEU B 4 16.00 4.36 -22.09
CA LEU B 4 15.31 5.61 -22.34
C LEU B 4 15.83 6.27 -23.62
N GLN B 5 17.13 6.12 -23.88
CA GLN B 5 17.71 6.62 -25.12
C GLN B 5 16.97 6.05 -26.34
N ASP B 6 16.75 4.74 -26.35
CA ASP B 6 16.07 4.10 -27.47
C ASP B 6 14.65 4.63 -27.66
N VAL B 7 13.93 4.82 -26.55
CA VAL B 7 12.56 5.32 -26.64
C VAL B 7 12.53 6.72 -27.24
N ALA B 8 13.40 7.60 -26.74
CA ALA B 8 13.47 8.96 -27.27
C ALA B 8 13.69 8.97 -28.78
N GLU B 9 14.59 8.10 -29.27
CA GLU B 9 14.84 8.04 -30.70
C GLU B 9 13.59 7.62 -31.47
N LEU B 10 12.82 6.69 -30.93
CA LEU B 10 11.59 6.25 -31.59
C LEU B 10 10.59 7.38 -31.73
N ILE B 11 10.30 8.08 -30.62
CA ILE B 11 9.42 9.25 -30.67
C ILE B 11 9.97 10.27 -31.66
N ARG B 12 11.25 10.60 -31.53
CA ARG B 12 11.90 11.55 -32.43
C ARG B 12 11.71 11.15 -33.90
N ALA B 13 11.68 9.85 -34.19
CA ALA B 13 11.47 9.35 -35.54
C ALA B 13 10.00 9.13 -35.87
N ARG B 14 9.09 9.63 -35.04
CA ARG B 14 7.62 9.47 -35.24
C ARG B 14 7.21 8.01 -35.37
N ALA B 15 7.98 7.08 -34.80
CA ALA B 15 7.55 5.68 -34.80
C ALA B 15 6.35 5.47 -33.88
N CYS B 16 6.28 6.21 -32.78
CA CYS B 16 5.15 6.16 -31.85
C CYS B 16 4.28 7.40 -32.04
N GLN B 17 3.26 7.26 -32.90
CA GLN B 17 2.40 8.39 -33.26
C GLN B 17 1.11 8.46 -32.46
N ARG B 18 0.83 7.47 -31.59
CA ARG B 18 -0.43 7.42 -30.84
C ARG B 18 -0.13 6.98 -29.40
N VAL B 19 0.07 7.96 -28.51
CA VAL B 19 0.54 7.70 -27.14
C VAL B 19 -0.62 7.75 -26.16
N VAL B 20 -0.72 6.71 -25.32
CA VAL B 20 -1.61 6.66 -24.17
C VAL B 20 -0.76 6.78 -22.91
N VAL B 21 -1.19 7.64 -21.99
CA VAL B 21 -0.42 7.95 -20.78
C VAL B 21 -1.28 7.62 -19.55
N MET B 22 -0.63 7.08 -18.52
CA MET B 22 -1.28 6.73 -17.27
C MET B 22 -0.50 7.37 -16.12
N VAL B 23 -1.09 8.38 -15.49
CA VAL B 23 -0.40 9.16 -14.47
C VAL B 23 -1.13 9.01 -13.13
N GLY B 24 -0.37 9.22 -12.06
CA GLY B 24 -0.90 9.13 -10.71
C GLY B 24 -0.48 10.28 -9.81
N ALA B 25 -0.51 10.05 -8.50
CA ALA B 25 -0.09 11.06 -7.53
C ALA B 25 1.39 11.39 -7.61
N GLY B 26 2.18 10.54 -8.27
CA GLY B 26 3.61 10.81 -8.38
C GLY B 26 3.91 12.13 -9.05
N ILE B 27 3.12 12.49 -10.07
CA ILE B 27 3.38 13.73 -10.80
C ILE B 27 2.85 14.96 -10.09
N SER B 28 1.93 14.80 -9.13
CA SER B 28 1.35 15.94 -8.45
C SER B 28 2.20 16.40 -7.27
N THR B 29 2.89 15.47 -6.61
CA THR B 29 3.68 15.86 -5.44
C THR B 29 4.83 16.82 -5.74
N PRO B 30 5.45 16.85 -6.93
CA PRO B 30 6.39 17.95 -7.22
C PRO B 30 5.72 19.31 -7.24
N SER B 31 4.40 19.37 -7.42
CA SER B 31 3.65 20.61 -7.36
C SER B 31 3.22 20.98 -5.94
N GLY B 32 3.57 20.17 -4.95
CA GLY B 32 3.23 20.46 -3.58
C GLY B 32 1.88 19.96 -3.12
N ILE B 33 1.14 19.24 -3.95
CA ILE B 33 -0.20 18.80 -3.57
C ILE B 33 -0.09 17.60 -2.64
N PRO B 34 -0.76 17.62 -1.48
CA PRO B 34 -0.86 16.44 -0.62
C PRO B 34 -2.10 15.61 -0.95
N ASP B 35 -2.09 14.99 -2.14
CA ASP B 35 -3.26 14.24 -2.58
C ASP B 35 -3.68 13.22 -1.53
N PHE B 36 -2.72 12.53 -0.94
CA PHE B 36 -2.97 11.77 0.27
C PHE B 36 -2.50 12.60 1.46
N ARG B 37 -3.33 12.65 2.49
CA ARG B 37 -3.06 13.42 3.70
C ARG B 37 -2.28 12.62 4.74
N SER B 38 -1.70 11.48 4.37
CA SER B 38 -1.02 10.64 5.36
C SER B 38 0.09 11.36 6.12
N PRO B 39 1.09 11.95 5.47
CA PRO B 39 2.14 12.65 6.22
C PRO B 39 1.56 13.81 7.02
N GLY B 40 2.42 14.39 7.87
CA GLY B 40 2.04 15.57 8.61
C GLY B 40 1.93 16.79 7.71
N SER B 41 0.71 17.24 7.48
CA SER B 41 0.47 18.32 6.53
C SER B 41 -0.68 19.18 7.03
N GLY B 42 -0.70 20.43 6.57
CA GLY B 42 -1.78 21.34 6.95
C GLY B 42 -3.16 20.76 6.69
N LEU B 43 -3.37 20.21 5.50
CA LEU B 43 -4.65 19.59 5.19
C LEU B 43 -4.95 18.42 6.12
N TYR B 44 -3.90 17.70 6.53
CA TYR B 44 -4.07 16.58 7.45
C TYR B 44 -4.65 17.04 8.79
N SER B 45 -4.02 18.03 9.42
CA SER B 45 -4.42 18.45 10.76
C SER B 45 -5.87 18.90 10.83
N ASN B 46 -6.34 19.61 9.80
CA ASN B 46 -7.71 20.12 9.83
C ASN B 46 -8.74 19.00 9.84
N LEU B 47 -8.52 17.97 9.03
CA LEU B 47 -9.51 16.89 8.92
C LEU B 47 -9.63 16.04 10.18
N GLN B 48 -8.63 16.04 11.05
CA GLN B 48 -8.74 15.31 12.31
C GLN B 48 -9.78 15.92 13.24
N GLN B 49 -10.08 17.21 13.08
CA GLN B 49 -11.11 17.87 13.88
C GLN B 49 -12.45 17.15 13.81
N TYR B 50 -12.86 16.74 12.60
CA TYR B 50 -14.17 16.15 12.40
C TYR B 50 -14.32 14.76 13.03
N ASP B 51 -13.20 14.22 13.49
CA ASP B 51 -13.17 12.90 14.16
C ASP B 51 -13.73 11.82 13.22
N LEU B 52 -13.13 11.69 12.05
CA LEU B 52 -13.49 10.65 11.04
C LEU B 52 -13.03 9.30 11.56
N PRO B 53 -13.71 8.16 11.28
CA PRO B 53 -13.22 6.88 11.75
C PRO B 53 -11.85 6.62 11.11
N TYR B 54 -11.71 6.90 9.80
CA TYR B 54 -10.40 6.69 9.13
C TYR B 54 -10.20 7.67 7.99
N PRO B 55 -8.96 7.86 7.52
CA PRO B 55 -8.64 8.85 6.51
C PRO B 55 -9.42 8.74 5.20
N GLU B 56 -9.80 7.54 4.78
CA GLU B 56 -10.54 7.38 3.51
C GLU B 56 -12.03 7.51 3.73
N ALA B 57 -12.50 7.81 4.95
CA ALA B 57 -13.96 7.95 5.19
C ALA B 57 -14.54 9.11 4.39
N ILE B 58 -13.78 10.17 4.16
CA ILE B 58 -14.27 11.34 3.40
C ILE B 58 -14.68 10.88 2.00
N PHE B 59 -13.92 9.99 1.36
CA PHE B 59 -14.30 9.46 0.02
C PHE B 59 -15.53 8.54 0.10
N GLU B 60 -15.89 8.03 1.26
CA GLU B 60 -17.07 7.13 1.38
C GLU B 60 -18.32 8.00 1.43
N LEU B 61 -19.35 7.68 0.66
CA LEU B 61 -20.59 8.51 0.58
C LEU B 61 -21.41 8.55 1.88
N PRO B 62 -21.70 7.43 2.57
CA PRO B 62 -22.54 7.48 3.75
C PRO B 62 -21.99 8.38 4.85
N PHE B 63 -20.69 8.39 5.03
CA PHE B 63 -20.17 9.32 6.07
C PHE B 63 -20.47 10.74 5.61
N PHE B 64 -20.25 11.04 4.33
CA PHE B 64 -20.50 12.40 3.79
C PHE B 64 -21.93 12.82 4.13
N PHE B 65 -22.94 11.99 3.82
CA PHE B 65 -24.31 12.34 4.16
C PHE B 65 -24.45 12.63 5.65
N HIS B 66 -23.73 11.90 6.51
CA HIS B 66 -23.70 12.22 7.92
C HIS B 66 -23.12 13.62 8.14
N ASN B 67 -21.95 13.88 7.58
CA ASN B 67 -21.27 15.16 7.73
C ASN B 67 -20.47 15.47 6.47
N PRO B 68 -20.95 16.40 5.63
CA PRO B 68 -20.24 16.71 4.39
C PRO B 68 -19.11 17.72 4.57
N LYS B 69 -18.95 18.29 5.76
CA LYS B 69 -17.93 19.31 5.97
C LYS B 69 -16.49 18.82 5.70
N PRO B 70 -16.09 17.59 6.06
CA PRO B 70 -14.70 17.21 5.77
C PRO B 70 -14.36 17.13 4.29
N PHE B 71 -15.25 16.59 3.45
CA PHE B 71 -14.97 16.48 2.03
C PHE B 71 -14.76 17.86 1.40
N PHE B 72 -15.64 18.81 1.71
CA PHE B 72 -15.51 20.14 1.14
C PHE B 72 -14.27 20.87 1.66
N THR B 73 -13.85 20.58 2.89
CA THR B 73 -12.56 21.03 3.37
C THR B 73 -11.45 20.61 2.40
N LEU B 74 -11.45 19.34 2.02
CA LEU B 74 -10.51 18.85 1.02
C LEU B 74 -10.68 19.60 -0.30
N ALA B 75 -11.92 19.73 -0.77
CA ALA B 75 -12.20 20.44 -2.01
C ALA B 75 -11.62 21.85 -1.99
N LYS B 76 -11.77 22.56 -0.86
CA LYS B 76 -11.27 23.94 -0.74
C LYS B 76 -9.80 24.04 -1.14
N GLU B 77 -9.01 23.03 -0.81
CA GLU B 77 -7.62 22.99 -1.23
C GLU B 77 -7.50 22.85 -2.76
N LEU B 78 -8.04 21.76 -3.31
CA LEU B 78 -7.76 21.34 -4.67
C LEU B 78 -8.44 22.20 -5.74
N TYR B 79 -9.33 23.11 -5.36
CA TYR B 79 -10.01 23.91 -6.38
C TYR B 79 -8.99 24.73 -7.18
N PRO B 80 -9.14 24.77 -8.50
CA PRO B 80 -8.08 25.34 -9.37
C PRO B 80 -7.66 26.73 -8.94
N GLY B 81 -6.35 26.99 -9.06
CA GLY B 81 -5.75 28.27 -8.74
C GLY B 81 -4.84 28.23 -7.54
N ASN B 82 -5.08 27.31 -6.61
CA ASN B 82 -4.25 27.23 -5.41
C ASN B 82 -2.89 26.63 -5.74
N TYR B 83 -2.87 25.51 -6.48
CA TYR B 83 -1.64 24.84 -6.85
C TYR B 83 -1.43 24.94 -8.35
N LYS B 84 -0.16 24.82 -8.75
CA LYS B 84 0.25 24.99 -10.14
C LYS B 84 0.66 23.65 -10.75
N PRO B 85 0.52 23.48 -12.06
CA PRO B 85 1.07 22.28 -12.70
C PRO B 85 2.58 22.39 -12.83
N ASN B 86 3.24 21.23 -12.73
CA ASN B 86 4.69 21.18 -12.84
C ASN B 86 5.10 20.72 -14.25
N VAL B 87 6.39 20.44 -14.42
CA VAL B 87 6.94 20.12 -15.73
C VAL B 87 6.23 18.92 -16.35
N THR B 88 5.87 17.93 -15.52
CA THR B 88 5.19 16.74 -16.03
C THR B 88 3.92 17.10 -16.79
N HIS B 89 3.04 17.88 -16.15
CA HIS B 89 1.79 18.26 -16.81
C HIS B 89 2.02 19.02 -18.10
N TYR B 90 3.10 19.83 -18.16
CA TYR B 90 3.40 20.56 -19.38
C TYR B 90 4.08 19.67 -20.41
N PHE B 91 4.88 18.70 -19.97
CA PHE B 91 5.42 17.71 -20.88
C PHE B 91 4.30 16.99 -21.63
N LEU B 92 3.19 16.72 -20.94
CA LEU B 92 2.04 16.10 -21.59
C LEU B 92 1.26 17.10 -22.42
N ARG B 93 1.27 18.38 -22.02
CA ARG B 93 0.73 19.43 -22.88
C ARG B 93 1.53 19.52 -24.17
N LEU B 94 2.86 19.45 -24.08
CA LEU B 94 3.69 19.41 -25.27
C LEU B 94 3.39 18.18 -26.12
N LEU B 95 3.19 17.04 -25.47
CA LEU B 95 2.83 15.82 -26.19
C LEU B 95 1.54 16.00 -26.97
N HIS B 96 0.56 16.69 -26.39
CA HIS B 96 -0.68 16.97 -27.11
C HIS B 96 -0.44 17.93 -28.26
N ASP B 97 0.22 19.06 -27.99
CA ASP B 97 0.47 20.07 -29.02
C ASP B 97 1.11 19.47 -30.27
N LYS B 98 2.07 18.56 -30.08
CA LYS B 98 2.72 17.91 -31.21
C LYS B 98 1.82 16.91 -31.93
N GLY B 99 0.59 16.70 -31.45
CA GLY B 99 -0.32 15.78 -32.11
C GLY B 99 -0.10 14.33 -31.78
N LEU B 100 0.65 14.02 -30.72
CA LEU B 100 1.00 12.65 -30.38
C LEU B 100 0.06 12.03 -29.36
N LEU B 101 -0.54 12.83 -28.48
CA LEU B 101 -1.36 12.28 -27.41
C LEU B 101 -2.65 11.65 -27.97
N LEU B 102 -2.93 10.43 -27.54
CA LEU B 102 -4.17 9.73 -27.84
C LEU B 102 -5.19 9.83 -26.71
N ARG B 103 -4.75 9.64 -25.48
CA ARG B 103 -5.59 9.77 -24.30
C ARG B 103 -4.71 9.81 -23.07
N LEU B 104 -5.18 10.51 -22.03
CA LEU B 104 -4.46 10.65 -20.78
C LEU B 104 -5.38 10.17 -19.65
N TYR B 105 -5.13 8.96 -19.16
CA TYR B 105 -5.88 8.39 -18.05
C TYR B 105 -5.20 8.77 -16.75
N THR B 106 -5.88 9.57 -15.92
CA THR B 106 -5.29 10.09 -14.70
C THR B 106 -6.08 9.61 -13.49
N GLN B 107 -5.35 9.31 -12.41
CA GLN B 107 -5.92 8.90 -11.14
C GLN B 107 -6.16 10.06 -10.19
N ASN B 108 -5.94 11.29 -10.64
CA ASN B 108 -5.89 12.43 -9.75
C ASN B 108 -7.14 13.29 -9.87
N ILE B 109 -7.47 13.99 -8.79
CA ILE B 109 -8.58 14.93 -8.75
C ILE B 109 -8.09 16.36 -8.66
N ASP B 110 -6.78 16.58 -8.63
CA ASP B 110 -6.25 17.95 -8.59
C ASP B 110 -6.71 18.76 -9.79
N GLY B 111 -6.82 18.13 -10.96
CA GLY B 111 -7.24 18.81 -12.17
C GLY B 111 -6.15 19.52 -12.93
N LEU B 112 -4.88 19.40 -12.48
CA LEU B 112 -3.79 20.10 -13.16
C LEU B 112 -3.63 19.69 -14.61
N GLU B 113 -4.11 18.50 -14.98
CA GLU B 113 -4.01 18.07 -16.37
C GLU B 113 -4.76 19.01 -17.29
N ARG B 114 -5.99 19.35 -16.94
CA ARG B 114 -6.77 20.32 -17.71
C ARG B 114 -6.21 21.73 -17.55
N VAL B 115 -5.76 22.07 -16.35
CA VAL B 115 -5.16 23.39 -16.11
C VAL B 115 -4.01 23.65 -17.08
N SER B 116 -3.18 22.65 -17.32
CA SER B 116 -2.04 22.80 -18.22
C SER B 116 -2.44 22.97 -19.69
N GLY B 117 -3.72 22.88 -20.02
CA GLY B 117 -4.19 23.13 -21.37
C GLY B 117 -4.59 21.91 -22.17
N ILE B 118 -4.60 20.72 -21.56
CA ILE B 118 -4.95 19.50 -22.27
C ILE B 118 -6.48 19.42 -22.38
N PRO B 119 -7.03 19.29 -23.59
CA PRO B 119 -8.49 19.25 -23.73
C PRO B 119 -9.10 18.04 -23.04
N ALA B 120 -10.39 18.19 -22.71
CA ALA B 120 -11.11 17.10 -22.05
C ALA B 120 -11.24 15.88 -22.95
N SER B 121 -11.35 16.08 -24.26
CA SER B 121 -11.49 14.94 -25.18
C SER B 121 -10.27 14.03 -25.12
N LYS B 122 -9.08 14.62 -25.03
CA LYS B 122 -7.84 13.85 -24.93
C LYS B 122 -7.58 13.33 -23.52
N LEU B 123 -8.55 13.48 -22.61
CA LEU B 123 -8.32 13.29 -21.18
C LEU B 123 -9.42 12.42 -20.59
N VAL B 124 -9.02 11.49 -19.72
CA VAL B 124 -9.95 10.66 -18.95
C VAL B 124 -9.62 10.85 -17.48
N GLU B 125 -10.34 11.74 -16.80
CA GLU B 125 -10.21 11.91 -15.36
C GLU B 125 -10.91 10.73 -14.69
N ALA B 126 -10.12 9.71 -14.31
CA ALA B 126 -10.68 8.42 -13.95
C ALA B 126 -11.28 8.39 -12.55
N HIS B 127 -10.93 9.32 -11.67
CA HIS B 127 -11.54 9.38 -10.35
C HIS B 127 -12.44 10.60 -10.17
N GLY B 128 -12.74 11.33 -11.24
CA GLY B 128 -13.60 12.49 -11.16
C GLY B 128 -12.81 13.79 -11.17
N THR B 129 -13.55 14.89 -11.07
CA THR B 129 -12.95 16.22 -11.08
C THR B 129 -13.89 17.19 -10.41
N PHE B 130 -13.32 18.27 -9.86
CA PHE B 130 -14.09 19.34 -9.25
C PHE B 130 -14.54 20.40 -10.25
N ALA B 131 -14.55 20.06 -11.54
CA ALA B 131 -14.96 21.00 -12.58
C ALA B 131 -16.47 21.03 -12.78
N SER B 132 -17.21 20.09 -12.20
CA SER B 132 -18.66 20.08 -12.33
C SER B 132 -19.26 19.49 -11.07
N ALA B 133 -20.59 19.60 -10.95
CA ALA B 133 -21.28 19.08 -9.78
C ALA B 133 -22.72 18.76 -10.13
N THR B 134 -23.37 17.97 -9.28
CA THR B 134 -24.77 17.59 -9.52
C THR B 134 -25.55 17.61 -8.20
N CYS B 135 -26.73 18.24 -8.16
CA CYS B 135 -27.51 18.29 -6.91
C CYS B 135 -27.80 16.89 -6.45
N THR B 136 -27.61 16.59 -5.18
CA THR B 136 -27.83 15.20 -4.68
C THR B 136 -29.31 14.85 -4.65
N VAL B 137 -30.16 15.76 -5.09
CA VAL B 137 -31.63 15.53 -5.06
C VAL B 137 -32.20 15.58 -6.49
N CYS B 138 -32.08 16.72 -7.15
CA CYS B 138 -32.63 16.91 -8.52
C CYS B 138 -31.73 16.29 -9.58
N GLN B 139 -30.49 15.98 -9.21
CA GLN B 139 -29.49 15.42 -10.17
C GLN B 139 -29.45 16.34 -11.40
N ARG B 140 -29.14 17.61 -11.14
CA ARG B 140 -29.02 18.73 -12.07
C ARG B 140 -27.56 19.09 -12.21
N PRO B 141 -27.05 19.28 -13.43
CA PRO B 141 -25.62 19.54 -13.60
C PRO B 141 -25.26 21.01 -13.46
N PHE B 142 -24.17 21.25 -12.74
CA PHE B 142 -23.64 22.59 -12.51
C PHE B 142 -22.16 22.60 -12.81
N PRO B 143 -21.64 23.66 -13.43
CA PRO B 143 -20.20 23.77 -13.62
C PRO B 143 -19.49 24.02 -12.31
N GLY B 144 -18.18 23.77 -12.31
CA GLY B 144 -17.38 23.99 -11.12
C GLY B 144 -17.47 25.42 -10.62
N GLU B 145 -17.31 26.38 -11.53
CA GLU B 145 -17.31 27.80 -11.17
C GLU B 145 -18.56 28.17 -10.37
N ASP B 146 -19.70 27.53 -10.65
CA ASP B 146 -20.95 27.92 -10.02
C ASP B 146 -20.88 27.80 -8.50
N ILE B 147 -20.23 26.75 -7.99
CA ILE B 147 -20.16 26.49 -6.56
C ILE B 147 -18.86 26.98 -5.94
N ARG B 148 -18.01 27.67 -6.71
CA ARG B 148 -16.71 28.09 -6.21
C ARG B 148 -16.84 29.02 -5.01
N ALA B 149 -17.74 30.00 -5.09
CA ALA B 149 -17.91 30.96 -4.00
C ALA B 149 -18.22 30.26 -2.68
N ASP B 150 -19.19 29.35 -2.69
CA ASP B 150 -19.60 28.68 -1.46
C ASP B 150 -18.50 27.81 -0.88
N VAL B 151 -17.77 27.10 -1.74
CA VAL B 151 -16.70 26.21 -1.26
C VAL B 151 -15.62 27.02 -0.53
N MET B 152 -15.16 28.10 -1.16
CA MET B 152 -14.07 28.88 -0.55
C MET B 152 -14.50 29.65 0.68
N ALA B 153 -15.79 29.71 0.98
CA ALA B 153 -16.28 30.38 2.17
C ALA B 153 -16.64 29.40 3.29
N ASP B 154 -16.07 28.19 3.27
CA ASP B 154 -16.34 27.16 4.26
C ASP B 154 -17.84 26.83 4.34
N ARG B 155 -18.56 27.07 3.25
CA ARG B 155 -19.99 26.81 3.18
C ARG B 155 -20.28 25.50 2.45
N VAL B 156 -21.54 25.12 2.49
CA VAL B 156 -21.96 23.86 1.83
C VAL B 156 -22.94 24.26 0.74
N PRO B 157 -22.62 24.12 -0.56
CA PRO B 157 -23.52 24.49 -1.65
C PRO B 157 -24.91 23.88 -1.53
N ARG B 158 -25.93 24.68 -1.65
CA ARG B 158 -27.30 24.16 -1.74
C ARG B 158 -27.75 24.63 -3.10
N CYS B 159 -28.51 23.82 -3.83
CA CYS B 159 -28.74 24.33 -5.21
C CYS B 159 -29.96 25.22 -5.22
N PRO B 160 -30.24 25.95 -6.31
CA PRO B 160 -31.34 26.90 -6.36
C PRO B 160 -32.76 26.35 -6.16
N VAL B 161 -33.15 25.35 -6.93
CA VAL B 161 -34.56 24.87 -6.83
C VAL B 161 -34.70 23.73 -5.82
N CYS B 162 -33.62 23.01 -5.56
CA CYS B 162 -33.65 21.90 -4.61
C CYS B 162 -33.34 22.30 -3.18
N THR B 163 -32.43 23.27 -3.00
CA THR B 163 -31.81 23.59 -1.70
C THR B 163 -31.20 22.33 -1.06
N GLY B 164 -30.75 21.40 -1.92
CA GLY B 164 -30.04 20.21 -1.48
C GLY B 164 -28.56 20.27 -1.80
N VAL B 165 -27.77 19.41 -1.15
CA VAL B 165 -26.32 19.49 -1.27
C VAL B 165 -25.89 19.26 -2.72
N VAL B 166 -24.92 20.06 -3.17
CA VAL B 166 -24.41 20.01 -4.53
C VAL B 166 -23.02 19.40 -4.45
N LYS B 167 -22.93 18.08 -4.71
CA LYS B 167 -21.67 17.35 -4.65
C LYS B 167 -20.92 17.43 -5.97
N PRO B 168 -19.63 17.76 -5.98
CA PRO B 168 -18.86 17.73 -7.22
C PRO B 168 -18.69 16.31 -7.74
N ASP B 169 -18.40 16.21 -9.04
CA ASP B 169 -18.25 14.92 -9.71
C ASP B 169 -16.95 14.26 -9.28
N ILE B 170 -16.99 13.65 -8.09
CA ILE B 170 -15.87 12.89 -7.54
C ILE B 170 -16.36 11.46 -7.31
N VAL B 171 -15.59 10.50 -7.79
CA VAL B 171 -15.96 9.09 -7.65
C VAL B 171 -15.72 8.64 -6.22
N PHE B 172 -16.80 8.53 -5.44
CA PHE B 172 -16.74 8.09 -4.06
C PHE B 172 -16.65 6.57 -3.97
N PHE B 173 -16.20 6.08 -2.82
CA PHE B 173 -16.01 4.64 -2.63
C PHE B 173 -17.33 3.91 -2.79
N GLY B 174 -17.45 3.11 -3.85
CA GLY B 174 -18.69 2.44 -4.19
C GLY B 174 -19.35 2.98 -5.44
N GLU B 175 -19.07 4.23 -5.78
CA GLU B 175 -19.62 4.82 -7.00
C GLU B 175 -18.98 4.18 -8.22
N PRO B 176 -19.74 4.03 -9.31
CA PRO B 176 -19.16 3.48 -10.53
C PRO B 176 -18.16 4.46 -11.14
N LEU B 177 -17.15 3.90 -11.83
CA LEU B 177 -16.13 4.72 -12.45
C LEU B 177 -16.75 5.59 -13.53
N PRO B 178 -16.10 6.69 -13.90
CA PRO B 178 -16.67 7.59 -14.91
C PRO B 178 -16.94 6.85 -16.22
N GLN B 179 -17.98 7.32 -16.91
CA GLN B 179 -18.30 6.78 -18.23
C GLN B 179 -17.10 6.84 -19.18
N ARG B 180 -16.35 7.93 -19.13
CA ARG B 180 -15.19 8.10 -20.00
C ARG B 180 -14.13 7.01 -19.82
N PHE B 181 -14.13 6.33 -18.68
CA PHE B 181 -13.15 5.26 -18.46
C PHE B 181 -13.28 4.15 -19.49
N LEU B 182 -14.48 3.93 -20.03
CA LEU B 182 -14.70 2.83 -20.95
C LEU B 182 -14.03 3.03 -22.31
N LEU B 183 -13.36 4.17 -22.52
CA LEU B 183 -12.57 4.38 -23.72
C LEU B 183 -11.34 3.49 -23.78
N HIS B 184 -10.96 2.87 -22.67
CA HIS B 184 -9.82 1.95 -22.65
C HIS B 184 -9.97 0.84 -23.69
N VAL B 185 -11.21 0.44 -24.00
CA VAL B 185 -11.44 -0.59 -25.01
C VAL B 185 -10.93 -0.12 -26.37
N VAL B 186 -11.20 1.14 -26.72
CA VAL B 186 -10.76 1.67 -28.00
C VAL B 186 -9.29 2.06 -27.97
N ASP B 187 -8.91 2.85 -26.96
CA ASP B 187 -7.60 3.51 -26.97
C ASP B 187 -6.44 2.51 -26.92
N PHE B 188 -6.50 1.58 -25.97
CA PHE B 188 -5.33 0.78 -25.59
C PHE B 188 -4.83 -0.16 -26.68
N PRO B 189 -5.71 -0.86 -27.42
CA PRO B 189 -5.20 -1.65 -28.56
C PRO B 189 -4.55 -0.81 -29.64
N MET B 190 -5.05 0.42 -29.86
CA MET B 190 -4.52 1.26 -30.92
C MET B 190 -3.24 1.98 -30.53
N ALA B 191 -2.98 2.11 -29.22
CA ALA B 191 -1.75 2.75 -28.77
C ALA B 191 -0.52 2.05 -29.30
N ASP B 192 0.54 2.83 -29.57
CA ASP B 192 1.82 2.32 -30.01
C ASP B 192 2.93 2.46 -28.96
N LEU B 193 2.63 3.08 -27.81
CA LEU B 193 3.58 3.28 -26.72
C LEU B 193 2.82 3.72 -25.48
N LEU B 194 3.12 3.11 -24.33
CA LEU B 194 2.44 3.40 -23.08
C LEU B 194 3.40 4.08 -22.11
N LEU B 195 3.04 5.26 -21.63
CA LEU B 195 3.80 5.98 -20.61
C LEU B 195 3.06 5.93 -19.29
N ILE B 196 3.78 5.57 -18.23
CA ILE B 196 3.26 5.51 -16.87
C ILE B 196 4.11 6.46 -16.03
N LEU B 197 3.46 7.46 -15.42
CA LEU B 197 4.16 8.51 -14.69
C LEU B 197 3.64 8.55 -13.26
N GLY B 198 4.48 8.09 -12.32
CA GLY B 198 4.21 8.24 -10.91
C GLY B 198 2.93 7.58 -10.42
N THR B 199 2.71 6.33 -10.83
CA THR B 199 1.52 5.59 -10.42
C THR B 199 1.97 4.30 -9.73
N SER B 200 1.46 4.06 -8.52
CA SER B 200 1.78 2.84 -7.79
C SER B 200 1.22 1.61 -8.49
N LEU B 201 0.10 1.74 -9.19
CA LEU B 201 -0.61 0.62 -9.82
C LEU B 201 -1.05 -0.42 -8.79
N GLU B 202 -1.34 -0.03 -7.55
CA GLU B 202 -1.79 -1.12 -6.64
C GLU B 202 -3.32 -1.21 -6.68
N VAL B 203 -3.96 -0.44 -7.53
CA VAL B 203 -5.45 -0.39 -7.53
C VAL B 203 -5.98 -0.69 -8.91
N GLU B 204 -7.01 -1.52 -9.03
CA GLU B 204 -7.49 -1.93 -10.38
C GLU B 204 -8.92 -1.43 -10.61
N PRO B 205 -9.35 -1.18 -11.87
CA PRO B 205 -8.78 -1.86 -13.03
C PRO B 205 -7.56 -1.13 -13.63
N PHE B 206 -7.07 -0.09 -12.95
CA PHE B 206 -5.93 0.70 -13.46
C PHE B 206 -4.77 -0.25 -13.78
N ALA B 207 -4.27 -0.99 -12.78
CA ALA B 207 -3.16 -1.91 -13.00
C ALA B 207 -3.44 -2.83 -14.18
N SER B 208 -4.67 -3.33 -14.28
CA SER B 208 -5.02 -4.29 -15.33
C SER B 208 -4.78 -3.72 -16.74
N LEU B 209 -4.85 -2.40 -16.90
CA LEU B 209 -4.75 -1.79 -18.22
C LEU B 209 -3.33 -1.82 -18.76
N THR B 210 -2.33 -2.11 -17.93
CA THR B 210 -0.95 -2.16 -18.41
C THR B 210 -0.75 -3.31 -19.40
N GLU B 211 -1.50 -4.39 -19.27
CA GLU B 211 -1.39 -5.52 -20.17
C GLU B 211 -2.25 -5.37 -21.42
N ALA B 212 -3.10 -4.33 -21.49
CA ALA B 212 -3.99 -4.16 -22.63
C ALA B 212 -3.21 -3.85 -23.91
N VAL B 213 -2.08 -3.18 -23.81
CA VAL B 213 -1.33 -2.76 -24.99
C VAL B 213 -0.79 -3.98 -25.75
N ARG B 214 -0.53 -3.78 -27.04
CA ARG B 214 -0.01 -4.82 -27.90
C ARG B 214 1.40 -5.22 -27.48
N SER B 215 1.81 -6.42 -27.89
CA SER B 215 3.12 -6.93 -27.49
C SER B 215 4.26 -6.13 -28.11
N SER B 216 4.01 -5.48 -29.25
CA SER B 216 5.01 -4.58 -29.84
C SER B 216 5.18 -3.31 -29.01
N VAL B 217 4.17 -2.93 -28.25
CA VAL B 217 4.16 -1.61 -27.60
C VAL B 217 5.16 -1.60 -26.46
N PRO B 218 6.07 -0.63 -26.40
CA PRO B 218 6.92 -0.45 -25.22
C PRO B 218 6.18 0.32 -24.13
N ARG B 219 6.57 0.03 -22.89
CA ARG B 219 5.95 0.64 -21.71
C ARG B 219 7.03 1.32 -20.88
N LEU B 220 6.92 2.62 -20.71
CA LEU B 220 7.90 3.43 -20.00
C LEU B 220 7.40 3.72 -18.59
N LEU B 221 8.15 3.26 -17.59
CA LEU B 221 7.81 3.43 -16.18
C LEU B 221 8.85 4.36 -15.56
N ILE B 222 8.46 5.64 -15.36
CA ILE B 222 9.34 6.61 -14.73
C ILE B 222 9.14 6.68 -13.22
N ASN B 223 8.27 5.84 -12.66
CA ASN B 223 8.02 5.82 -11.22
C ASN B 223 9.33 5.56 -10.46
N ARG B 224 9.39 6.01 -9.20
CA ARG B 224 10.58 5.89 -8.32
C ARG B 224 11.06 4.45 -8.12
N ASP B 225 10.15 3.49 -8.14
CA ASP B 225 10.49 2.07 -8.12
C ASP B 225 9.61 1.35 -9.13
N LEU B 226 9.96 0.11 -9.42
CA LEU B 226 9.21 -0.69 -10.37
C LEU B 226 8.04 -1.32 -9.63
N VAL B 227 6.82 -1.06 -10.09
CA VAL B 227 5.60 -1.40 -9.35
C VAL B 227 4.56 -1.97 -10.31
N GLY B 228 3.49 -2.50 -9.72
CA GLY B 228 2.34 -2.96 -10.46
C GLY B 228 2.63 -4.14 -11.36
N PRO B 229 1.71 -4.43 -12.28
CA PRO B 229 1.90 -5.58 -13.19
C PRO B 229 3.18 -5.52 -13.99
N LEU B 230 3.79 -4.34 -14.12
CA LEU B 230 5.09 -4.23 -14.78
C LEU B 230 6.11 -5.15 -14.12
N ALA B 231 6.15 -5.18 -12.79
CA ALA B 231 7.13 -6.02 -12.10
C ALA B 231 6.77 -7.50 -12.26
N TRP B 232 5.49 -7.84 -12.05
CA TRP B 232 5.10 -9.25 -12.10
C TRP B 232 5.15 -9.78 -13.53
N HIS B 233 4.67 -8.98 -14.50
CA HIS B 233 4.60 -9.39 -15.90
C HIS B 233 5.16 -8.29 -16.79
N PRO B 234 6.47 -8.23 -16.94
CA PRO B 234 7.09 -7.22 -17.80
C PRO B 234 7.14 -7.71 -19.24
N ARG B 235 7.41 -6.77 -20.14
CA ARG B 235 7.62 -7.09 -21.54
C ARG B 235 9.07 -6.82 -21.93
N SER B 236 9.45 -7.28 -23.12
CA SER B 236 10.84 -7.15 -23.56
C SER B 236 11.18 -5.71 -23.88
N ARG B 237 10.27 -4.99 -24.55
CA ARG B 237 10.52 -3.62 -24.98
C ARG B 237 10.20 -2.60 -23.88
N ASP B 238 9.90 -3.05 -22.68
CA ASP B 238 9.63 -2.15 -21.57
C ASP B 238 10.89 -1.42 -21.12
N VAL B 239 10.72 -0.18 -20.67
CA VAL B 239 11.79 0.64 -20.15
C VAL B 239 11.35 1.23 -18.82
N ALA B 240 12.19 1.10 -17.80
CA ALA B 240 11.87 1.56 -16.46
C ALA B 240 12.81 2.71 -16.12
N GLN B 241 12.31 3.93 -16.25
CA GLN B 241 13.07 5.13 -15.88
C GLN B 241 12.89 5.40 -14.38
N LEU B 242 13.39 4.45 -13.59
CA LEU B 242 13.22 4.52 -12.14
C LEU B 242 13.96 5.73 -11.57
N GLY B 243 13.43 6.25 -10.47
CA GLY B 243 13.95 7.43 -9.84
C GLY B 243 12.88 8.50 -9.67
N ASP B 244 13.31 9.61 -9.09
CA ASP B 244 12.43 10.78 -8.91
C ASP B 244 11.76 11.13 -10.23
N VAL B 245 10.45 11.39 -10.18
CA VAL B 245 9.66 11.53 -11.39
C VAL B 245 10.17 12.69 -12.24
N VAL B 246 10.34 13.87 -11.63
CA VAL B 246 10.79 15.04 -12.38
C VAL B 246 12.13 14.76 -13.04
N HIS B 247 13.00 14.04 -12.35
CA HIS B 247 14.33 13.76 -12.95
C HIS B 247 14.13 12.94 -14.22
N GLY B 248 13.30 11.90 -14.16
CA GLY B 248 13.08 11.08 -15.35
C GLY B 248 12.50 11.88 -16.51
N VAL B 249 11.46 12.68 -16.23
CA VAL B 249 10.84 13.47 -17.29
C VAL B 249 11.84 14.45 -17.90
N GLU B 250 12.65 15.10 -17.05
CA GLU B 250 13.64 16.04 -17.55
C GLU B 250 14.64 15.34 -18.46
N SER B 251 15.17 14.19 -18.02
CA SER B 251 16.09 13.42 -18.85
C SER B 251 15.45 13.05 -20.18
N LEU B 252 14.21 12.58 -20.15
CA LEU B 252 13.53 12.19 -21.38
C LEU B 252 13.33 13.38 -22.30
N VAL B 253 13.01 14.54 -21.74
CA VAL B 253 12.86 15.75 -22.55
C VAL B 253 14.18 16.12 -23.22
N GLU B 254 15.27 16.08 -22.44
CA GLU B 254 16.60 16.30 -23.00
C GLU B 254 16.90 15.32 -24.13
N LEU B 255 16.68 14.03 -23.86
CA LEU B 255 16.94 13.02 -24.88
C LEU B 255 16.06 13.21 -26.11
N LEU B 256 14.87 13.79 -25.94
CA LEU B 256 14.03 14.14 -27.09
C LEU B 256 14.47 15.43 -27.77
N GLY B 257 15.30 16.23 -27.11
CA GLY B 257 15.70 17.50 -27.69
C GLY B 257 14.66 18.58 -27.66
N TRP B 258 13.77 18.57 -26.66
CA TRP B 258 12.68 19.54 -26.59
C TRP B 258 12.87 20.57 -25.49
N THR B 259 13.99 20.52 -24.77
CA THR B 259 14.20 21.44 -23.65
C THR B 259 14.03 22.89 -24.08
N GLU B 260 14.60 23.25 -25.24
CA GLU B 260 14.41 24.60 -25.78
C GLU B 260 12.92 24.91 -25.96
N GLU B 261 12.21 24.05 -26.71
CA GLU B 261 10.77 24.23 -26.86
C GLU B 261 10.03 24.12 -25.55
N MET B 262 10.59 23.35 -24.60
CA MET B 262 9.94 23.15 -23.30
C MET B 262 9.93 24.44 -22.47
N ARG B 263 11.07 25.12 -22.40
CA ARG B 263 11.17 26.33 -21.60
C ARG B 263 10.15 27.39 -22.02
N ASP B 264 9.92 27.52 -23.33
CA ASP B 264 8.95 28.50 -23.81
C ASP B 264 7.56 28.21 -23.25
N LEU B 265 7.18 26.94 -23.21
CA LEU B 265 5.83 26.57 -22.78
C LEU B 265 5.62 26.92 -21.30
N VAL B 266 6.56 26.53 -20.44
CA VAL B 266 6.43 26.82 -19.01
C VAL B 266 6.33 28.33 -18.78
N GLN B 267 7.05 29.11 -19.58
CA GLN B 267 7.06 30.56 -19.39
C GLN B 267 5.70 31.18 -19.71
N ARG B 268 5.21 30.97 -20.93
CA ARG B 268 3.96 31.60 -21.36
C ARG B 268 2.78 31.16 -20.53
N GLU B 269 2.82 29.95 -19.96
CA GLU B 269 1.72 29.49 -19.13
C GLU B 269 1.80 30.04 -17.72
N THR B 270 3.01 30.16 -17.17
CA THR B 270 3.19 30.82 -15.88
C THR B 270 2.71 32.27 -15.92
N GLY B 271 2.89 32.95 -17.05
CA GLY B 271 2.40 34.31 -17.17
C GLY B 271 0.89 34.41 -17.08
N LYS B 272 0.20 33.62 -17.91
CA LYS B 272 -1.26 33.56 -17.85
C LYS B 272 -1.76 33.17 -16.47
N LEU B 273 -1.00 32.33 -15.76
CA LEU B 273 -1.45 31.81 -14.48
C LEU B 273 -1.48 32.89 -13.42
N ASP B 274 -0.45 33.74 -13.37
CA ASP B 274 -0.41 34.81 -12.37
C ASP B 274 0.07 36.12 -13.01
N SER C 1 -10.75 -13.66 6.01
CA SER C 1 -11.06 -12.21 6.13
C SER C 1 -9.75 -11.49 6.35
N PRO C 2 -8.59 -12.09 6.03
CA PRO C 2 -7.29 -11.49 6.27
C PRO C 2 -6.63 -10.87 5.03
N VAL C 3 -6.38 -9.56 5.10
CA VAL C 3 -5.70 -8.80 4.02
C VAL C 3 -6.41 -8.98 2.67
N LYS C 4 -7.74 -8.99 2.63
CA LYS C 4 -8.46 -9.16 1.34
C LYS C 4 -7.96 -8.08 0.39
N LEU C 5 -7.31 -8.52 -0.69
CA LEU C 5 -6.62 -7.64 -1.67
C LEU C 5 -7.54 -6.48 -2.04
N LYS C 6 -8.83 -6.73 -2.26
CA LYS C 6 -9.77 -5.62 -2.57
C LYS C 6 -10.27 -5.01 -1.26
N THR C 7 -9.38 -4.35 -0.51
CA THR C 7 -9.71 -3.77 0.81
C THR C 7 -10.73 -2.65 0.61
N PHE C 8 -10.54 -1.85 -0.43
CA PHE C 8 -11.45 -0.72 -0.72
C PHE C 8 -11.23 -0.32 -2.18
N LYS C 9 -12.26 -0.49 -3.02
CA LYS C 9 -12.13 -0.20 -4.46
C LYS C 9 -13.29 0.62 -4.96
N ILE C 11 -15.60 0.97 -7.54
CA ILE C 11 -16.05 -0.04 -8.53
C ILE C 11 -16.10 0.60 -9.91
N PRO C 12 -15.50 -0.04 -10.93
CA PRO C 12 -15.51 0.49 -12.29
C PRO C 12 -16.95 0.53 -12.79
N MET C 13 -17.73 -0.52 -12.49
CA MET C 13 -19.15 -0.57 -12.91
C MET C 13 -19.96 -1.33 -11.86
#